data_8UUW
#
_entry.id   8UUW
#
_cell.length_a   115.028
_cell.length_b   115.028
_cell.length_c   218.357
_cell.angle_alpha   90.000
_cell.angle_beta   90.000
_cell.angle_gamma   90.000
#
_symmetry.space_group_name_H-M   'I 41 2 2'
#
loop_
_entity.id
_entity.type
_entity.pdbx_description
1 polymer 'Papain-like protease nsp3'
2 non-polymer 5-[2-(dimethylamino)ethoxy]-2-methyl-N-{(1R)-1-[(3P,5M)-3-(1-methyl-1H-pyrazol-4-yl)-5-(1,3-thiazol-5-yl)phenyl]ethyl}benzamide
3 non-polymer 'DIMETHYL SULFOXIDE'
4 non-polymer 'ACETATE ION'
5 non-polymer 'ZINC ION'
6 non-polymer 'CHLORIDE ION'
7 water water
#
_entity_poly.entity_id   1
_entity_poly.type   'polypeptide(L)'
_entity_poly.pdbx_seq_one_letter_code
;SNAEVRTIKVFTTVDNINLHTQVVDMSMTYGQQFGPTYLDGADVTKIKPHNSHEGKTFYVLPNDDTLRVEAFEYYHTTDP
SFLGRYMSALNHTKKWKYPQVNGLTSIKWADNNCYLATALLTLQQIELKFNPPALQDAYYRARAGEAANFCALILAYCNK
TVGELGDVRETMSYLFQHANLDSCKRVLNVVCKTCGQQQTTLKGVEAVMYMGTLSYEQFKKGVQIPCTCGKQATKYLVQQ
ESPFVMMSAPPAQYELKHGTFTCASEYTGNYQCGHYKHITSKETLYCIDGALLTKSSEYKGPITDVFYKENSYTTTIK
;
_entity_poly.pdbx_strand_id   A
#
loop_
_chem_comp.id
_chem_comp.type
_chem_comp.name
_chem_comp.formula
ACT non-polymer 'ACETATE ION' 'C2 H3 O2 -1'
CL non-polymer 'CHLORIDE ION' 'Cl -1'
DMS non-polymer 'DIMETHYL SULFOXIDE' 'C2 H6 O S'
Y2N non-polymer 5-[2-(dimethylamino)ethoxy]-2-methyl-N-{(1R)-1-[(3P,5M)-3-(1-methyl-1H-pyrazol-4-yl)-5-(1,3-thiazol-5-yl)phenyl]ethyl}benzamide 'C27 H31 N5 O2 S'
ZN non-polymer 'ZINC ION' 'Zn 2'
#
# COMPACT_ATOMS: atom_id res chain seq x y z
N PHE A 11 21.09 9.43 21.56
CA PHE A 11 20.13 10.45 21.17
C PHE A 11 18.76 9.83 20.94
N THR A 12 17.71 10.52 21.36
CA THR A 12 16.33 10.04 21.23
C THR A 12 15.63 10.85 20.15
N THR A 13 15.11 10.14 19.14
CA THR A 13 14.34 10.78 18.09
C THR A 13 13.03 10.01 17.88
N VAL A 14 12.01 10.74 17.46
CA VAL A 14 10.71 10.14 17.16
C VAL A 14 10.41 10.14 15.67
N ASP A 15 11.09 10.96 14.88
CA ASP A 15 10.89 11.00 13.45
C ASP A 15 12.15 10.74 12.64
N ASN A 16 13.31 10.66 13.29
CA ASN A 16 14.64 10.46 12.70
C ASN A 16 15.11 11.63 11.85
N ILE A 17 14.28 12.65 11.63
CA ILE A 17 14.71 13.93 11.06
C ILE A 17 14.79 15.03 12.09
N ASN A 18 14.43 14.74 13.35
CA ASN A 18 14.54 15.68 14.46
C ASN A 18 15.12 14.91 15.65
N LEU A 19 16.44 14.97 15.79
CA LEU A 19 17.14 14.22 16.82
C LEU A 19 17.41 15.09 18.03
N HIS A 20 17.15 14.53 19.22
CA HIS A 20 17.36 15.23 20.48
C HIS A 20 18.40 14.49 21.31
N THR A 21 19.31 15.24 21.91
CA THR A 21 20.35 14.66 22.72
C THR A 21 19.80 14.21 24.07
N GLN A 22 20.38 13.13 24.60
CA GLN A 22 19.98 12.59 25.89
C GLN A 22 21.19 11.90 26.53
N VAL A 23 21.24 11.95 27.86
CA VAL A 23 22.32 11.32 28.61
C VAL A 23 21.77 10.69 29.88
N SER A 27 23.79 -0.06 33.11
CA SER A 27 23.27 0.56 34.32
C SER A 27 21.74 0.46 34.38
N MET A 28 21.09 1.61 34.57
CA MET A 28 19.63 1.65 34.57
C MET A 28 19.09 1.25 33.20
N THR A 29 18.09 0.38 33.19
CA THR A 29 17.53 -0.11 31.94
C THR A 29 17.01 1.04 31.09
N TYR A 30 17.04 0.85 29.77
CA TYR A 30 16.64 1.92 28.86
C TYR A 30 15.17 2.29 29.05
N GLY A 31 14.33 1.33 29.42
CA GLY A 31 12.91 1.62 29.59
C GLY A 31 12.63 2.55 30.74
N GLN A 32 13.35 2.37 31.86
CA GLN A 32 13.14 3.24 33.01
C GLN A 32 13.69 4.64 32.78
N GLN A 33 14.59 4.81 31.82
CA GLN A 33 15.22 6.10 31.57
C GLN A 33 14.51 6.90 30.49
N PHE A 34 14.06 6.24 29.42
CA PHE A 34 13.48 6.92 28.27
C PHE A 34 12.09 6.43 27.90
N GLY A 35 11.52 5.51 28.67
CA GLY A 35 10.28 4.86 28.28
C GLY A 35 10.55 3.77 27.27
N PRO A 36 9.52 3.38 26.51
CA PRO A 36 9.73 2.38 25.46
C PRO A 36 10.77 2.85 24.45
N THR A 37 11.85 2.09 24.35
CA THR A 37 12.99 2.45 23.52
C THR A 37 13.26 1.35 22.51
N TYR A 38 13.37 1.73 21.24
CA TYR A 38 13.63 0.79 20.15
C TYR A 38 14.90 1.19 19.42
N LEU A 39 15.75 0.20 19.15
CA LEU A 39 16.96 0.40 18.35
C LEU A 39 16.93 -0.57 17.18
N ASP A 40 16.87 -0.03 15.96
CA ASP A 40 16.83 -0.83 14.74
C ASP A 40 15.66 -1.81 14.76
N GLY A 41 14.50 -1.34 15.21
CA GLY A 41 13.30 -2.14 15.20
C GLY A 41 13.23 -3.23 16.26
N ALA A 42 14.11 -3.22 17.24
CA ALA A 42 14.11 -4.20 18.31
C ALA A 42 14.04 -3.49 19.65
N ASP A 43 13.18 -4.00 20.54
CA ASP A 43 12.96 -3.34 21.82
C ASP A 43 14.17 -3.50 22.73
N VAL A 44 14.74 -2.37 23.15
CA VAL A 44 15.82 -2.36 24.13
C VAL A 44 15.32 -1.85 25.48
N THR A 45 14.01 -1.90 25.71
CA THR A 45 13.45 -1.46 26.99
C THR A 45 14.04 -2.25 28.15
N LYS A 46 14.20 -3.56 27.98
CA LYS A 46 14.83 -4.38 29.00
C LYS A 46 16.34 -4.24 28.99
N ILE A 47 16.92 -3.82 27.86
CA ILE A 47 18.37 -3.77 27.74
C ILE A 47 18.92 -2.59 28.54
N LYS A 48 20.16 -2.73 28.99
CA LYS A 48 20.90 -1.73 29.75
C LYS A 48 21.86 -0.98 28.82
N PRO A 49 22.31 0.22 29.21
CA PRO A 49 23.23 0.96 28.36
C PRO A 49 24.58 0.26 28.26
N HIS A 50 25.13 0.26 27.05
CA HIS A 50 26.44 -0.33 26.79
C HIS A 50 27.31 0.69 26.07
N ASN A 51 28.62 0.46 26.11
CA ASN A 51 29.54 1.33 25.38
C ASN A 51 29.29 1.25 23.88
N SER A 52 28.81 0.10 23.40
CA SER A 52 28.48 -0.04 21.98
C SER A 52 27.18 0.67 21.64
N HIS A 53 26.20 0.63 22.56
CA HIS A 53 24.92 1.30 22.30
C HIS A 53 25.07 2.82 22.43
N GLU A 54 25.79 3.29 23.45
CA GLU A 54 26.03 4.71 23.68
C GLU A 54 24.75 5.56 23.63
N LYS A 56 23.74 5.68 20.37
CA LYS A 56 23.59 6.15 19.00
C LYS A 56 22.25 6.88 18.87
N THR A 57 21.38 6.40 17.97
CA THR A 57 20.05 6.97 17.78
C THR A 57 19.02 5.91 18.11
N PHE A 58 18.15 6.21 19.07
CA PHE A 58 17.14 5.29 19.55
C PHE A 58 15.75 5.90 19.40
N TYR A 59 14.81 5.10 18.90
CA TYR A 59 13.43 5.53 18.80
C TYR A 59 12.74 5.40 20.16
N VAL A 60 11.95 6.40 20.52
CA VAL A 60 11.23 6.42 21.80
C VAL A 60 9.81 6.90 21.55
N LEU A 61 8.86 6.28 22.25
CA LEU A 61 7.50 6.78 22.24
C LEU A 61 7.45 8.15 22.90
N PRO A 62 6.78 9.13 22.30
CA PRO A 62 6.83 10.50 22.84
C PRO A 62 6.30 10.58 24.26
N ASN A 63 7.07 11.25 25.13
CA ASN A 63 6.64 11.53 26.49
C ASN A 63 6.43 13.02 26.74
N ASP A 64 6.82 13.88 25.79
CA ASP A 64 6.61 15.32 25.90
C ASP A 64 5.92 15.82 24.64
N ASP A 65 5.41 17.05 24.72
CA ASP A 65 4.65 17.61 23.61
C ASP A 65 5.54 17.86 22.40
N THR A 66 6.82 18.19 22.61
CA THR A 66 7.73 18.39 21.50
C THR A 66 7.84 17.12 20.65
N LEU A 67 7.94 15.96 21.30
CA LEU A 67 8.03 14.70 20.57
C LEU A 67 6.68 14.28 19.99
N ARG A 68 5.59 14.57 20.71
CA ARG A 68 4.26 14.24 20.19
C ARG A 68 3.95 15.05 18.94
N VAL A 69 4.36 16.33 18.91
CA VAL A 69 4.15 17.15 17.72
C VAL A 69 5.01 16.64 16.57
N GLU A 70 6.29 16.37 16.85
CA GLU A 70 7.18 15.84 15.81
C GLU A 70 6.71 14.47 15.31
N ALA A 71 6.11 13.67 16.20
CA ALA A 71 5.61 12.36 15.77
C ALA A 71 4.46 12.51 14.79
N PHE A 72 3.53 13.43 15.05
CA PHE A 72 2.41 13.63 14.13
C PHE A 72 2.86 14.27 12.83
N GLU A 73 3.85 15.15 12.88
CA GLU A 73 4.32 15.81 11.67
C GLU A 73 4.92 14.81 10.68
N TYR A 74 5.45 13.69 11.19
CA TYR A 74 6.09 12.70 10.34
C TYR A 74 5.18 11.52 10.02
N TYR A 75 4.33 11.09 10.96
CA TYR A 75 3.51 9.91 10.78
C TYR A 75 2.03 10.18 10.62
N HIS A 76 1.55 11.35 11.05
CA HIS A 76 0.14 11.73 10.94
C HIS A 76 -0.78 10.77 11.70
N THR A 77 -0.34 10.36 12.89
CA THR A 77 -1.18 9.56 13.76
C THR A 77 -0.76 9.81 15.21
N THR A 78 -1.73 9.69 16.11
CA THR A 78 -1.50 9.85 17.54
C THR A 78 -1.67 8.55 18.31
N ASP A 79 -1.96 7.45 17.63
CA ASP A 79 -2.04 6.15 18.27
C ASP A 79 -0.70 5.78 18.88
N PRO A 80 -0.61 5.64 20.20
CA PRO A 80 0.71 5.32 20.80
C PRO A 80 1.21 3.94 20.42
N SER A 81 0.32 3.00 20.10
CA SER A 81 0.75 1.68 19.67
C SER A 81 1.33 1.67 18.26
N PHE A 82 1.20 2.78 17.52
CA PHE A 82 1.67 2.81 16.14
C PHE A 82 3.18 2.63 16.07
N LEU A 83 3.92 3.34 16.93
CA LEU A 83 5.38 3.24 16.91
C LEU A 83 5.85 1.84 17.26
N GLY A 84 5.21 1.22 18.25
CA GLY A 84 5.58 -0.14 18.60
C GLY A 84 5.29 -1.14 17.49
N ARG A 85 4.15 -0.99 16.82
CA ARG A 85 3.81 -1.88 15.72
C ARG A 85 4.69 -1.62 14.50
N TYR A 86 5.05 -0.36 14.26
CA TYR A 86 5.97 -0.04 13.17
C TYR A 86 7.35 -0.61 13.44
N MET A 87 7.86 -0.44 14.67
CA MET A 87 9.17 -0.99 15.01
C MET A 87 9.15 -2.52 14.96
N SER A 88 8.04 -3.13 15.39
CA SER A 88 7.96 -4.59 15.35
C SER A 88 7.87 -5.09 13.91
N ALA A 89 7.15 -4.37 13.06
CA ALA A 89 7.09 -4.76 11.65
C ALA A 89 8.44 -4.54 10.97
N LEU A 90 9.16 -3.49 11.36
CA LEU A 90 10.46 -3.22 10.77
C LEU A 90 11.48 -4.29 11.12
N ASN A 91 11.31 -4.97 12.25
CA ASN A 91 12.25 -6.01 12.64
C ASN A 91 12.23 -7.18 11.66
N HIS A 92 11.11 -7.39 10.97
CA HIS A 92 11.00 -8.47 10.01
C HIS A 92 11.28 -8.02 8.58
N THR A 93 10.84 -6.81 8.22
CA THR A 93 10.97 -6.35 6.85
C THR A 93 12.43 -6.17 6.46
N LYS A 94 13.25 -5.67 7.39
CA LYS A 94 14.67 -5.49 7.08
C LYS A 94 15.39 -6.83 6.90
N LYS A 95 14.84 -7.91 7.43
CA LYS A 95 15.37 -9.25 7.15
C LYS A 95 15.01 -9.75 5.76
N TRP A 96 13.96 -9.19 5.17
CA TRP A 96 13.56 -9.61 3.83
C TRP A 96 14.52 -9.06 2.78
N LYS A 97 14.65 -9.80 1.68
CA LYS A 97 15.40 -9.35 0.52
C LYS A 97 14.44 -8.72 -0.47
N TYR A 98 14.87 -7.62 -1.10
CA TYR A 98 14.05 -6.85 -2.04
C TYR A 98 14.73 -6.83 -3.40
N PRO A 99 14.64 -7.92 -4.16
CA PRO A 99 15.26 -7.93 -5.49
C PRO A 99 14.47 -7.10 -6.49
N GLN A 100 15.19 -6.50 -7.42
CA GLN A 100 14.58 -5.70 -8.49
C GLN A 100 14.39 -6.59 -9.72
N VAL A 101 13.15 -6.67 -10.20
CA VAL A 101 12.80 -7.48 -11.36
C VAL A 101 12.13 -6.59 -12.38
N ASN A 102 12.67 -6.59 -13.60
CA ASN A 102 12.14 -5.79 -14.71
C ASN A 102 11.98 -4.32 -14.31
N GLY A 103 13.01 -3.80 -13.65
CA GLY A 103 13.00 -2.40 -13.25
C GLY A 103 12.11 -2.06 -12.09
N LEU A 104 11.50 -3.05 -11.45
CA LEU A 104 10.58 -2.84 -10.34
C LEU A 104 11.13 -3.47 -9.07
N THR A 105 10.95 -2.80 -7.94
CA THR A 105 11.41 -3.31 -6.65
C THR A 105 10.34 -4.24 -6.08
N SER A 106 10.66 -5.52 -5.99
CA SER A 106 9.76 -6.52 -5.45
C SER A 106 10.28 -7.00 -4.10
N ILE A 107 9.65 -8.05 -3.56
CA ILE A 107 10.04 -8.64 -2.29
C ILE A 107 10.16 -10.14 -2.47
N LYS A 108 11.28 -10.71 -2.00
CA LYS A 108 11.39 -12.16 -1.93
C LYS A 108 10.38 -12.70 -0.92
N TRP A 109 9.63 -13.71 -1.33
CA TRP A 109 8.51 -14.18 -0.52
C TRP A 109 8.97 -14.68 0.83
N ALA A 110 8.42 -14.10 1.89
CA ALA A 110 8.71 -14.49 3.27
C ALA A 110 7.66 -13.94 4.22
N ASP A 111 7.17 -14.79 5.14
CA ASP A 111 6.20 -14.37 6.15
C ASP A 111 4.90 -13.87 5.51
N ASN A 112 4.43 -14.57 4.47
CA ASN A 112 3.16 -14.30 3.83
C ASN A 112 3.06 -12.85 3.33
N ASN A 113 4.12 -12.39 2.67
CA ASN A 113 4.17 -11.04 2.13
C ASN A 113 3.77 -10.99 0.65
N CYS A 114 3.08 -12.03 0.16
CA CYS A 114 2.70 -12.05 -1.25
C CYS A 114 1.78 -10.88 -1.60
N TYR A 115 0.99 -10.41 -0.64
CA TYR A 115 0.15 -9.25 -0.90
C TYR A 115 0.93 -7.95 -0.76
N LEU A 116 1.98 -7.94 0.07
CA LEU A 116 2.82 -6.76 0.20
C LEU A 116 3.62 -6.51 -1.07
N ALA A 117 4.26 -7.55 -1.61
CA ALA A 117 5.04 -7.40 -2.84
C ALA A 117 4.15 -7.02 -4.01
N THR A 118 2.98 -7.65 -4.12
CA THR A 118 2.04 -7.30 -5.18
C THR A 118 1.59 -5.85 -5.05
N ALA A 119 1.40 -5.37 -3.83
CA ALA A 119 1.04 -3.97 -3.62
C ALA A 119 2.23 -3.06 -3.90
N LEU A 120 3.43 -3.49 -3.52
CA LEU A 120 4.62 -2.66 -3.76
C LEU A 120 4.90 -2.52 -5.26
N LEU A 121 4.76 -3.61 -6.01
CA LEU A 121 4.94 -3.53 -7.46
C LEU A 121 3.89 -2.65 -8.11
N THR A 122 2.65 -2.71 -7.61
CA THR A 122 1.58 -1.88 -8.15
C THR A 122 1.80 -0.41 -7.83
N LEU A 123 2.40 -0.10 -6.68
CA LEU A 123 2.57 1.28 -6.26
C LEU A 123 3.59 2.01 -7.13
N GLN A 124 4.66 1.32 -7.54
CA GLN A 124 5.67 1.96 -8.38
C GLN A 124 5.15 2.30 -9.76
N GLN A 125 4.03 1.70 -10.18
CA GLN A 125 3.48 1.92 -11.50
C GLN A 125 2.28 2.86 -11.52
N ILE A 126 1.79 3.27 -10.35
CA ILE A 126 0.73 4.27 -10.27
C ILE A 126 1.30 5.54 -9.67
N GLU A 127 0.71 6.67 -10.04
CA GLU A 127 1.14 7.98 -9.56
C GLU A 127 0.43 8.29 -8.25
N LEU A 128 1.19 8.40 -7.17
CA LEU A 128 0.62 8.60 -5.84
C LEU A 128 1.52 9.50 -5.02
N LYS A 129 0.90 10.41 -4.26
CA LYS A 129 1.61 11.28 -3.31
C LYS A 129 1.03 11.03 -1.93
N PHE A 130 1.89 10.59 -1.01
CA PHE A 130 1.46 10.29 0.36
C PHE A 130 1.50 11.54 1.22
N ASN A 131 0.48 11.69 2.08
CA ASN A 131 0.44 12.84 2.98
C ASN A 131 1.48 12.76 4.09
N PRO A 132 1.63 11.66 4.82
CA PRO A 132 2.66 11.61 5.86
C PRO A 132 4.05 11.61 5.26
N PRO A 133 4.95 12.45 5.76
CA PRO A 133 6.33 12.44 5.25
C PRO A 133 7.03 11.11 5.44
N ALA A 134 6.69 10.35 6.49
CA ALA A 134 7.31 9.04 6.67
C ALA A 134 6.95 8.10 5.52
N LEU A 135 5.69 8.11 5.09
CA LEU A 135 5.29 7.30 3.95
C LEU A 135 5.99 7.76 2.68
N GLN A 136 6.02 9.07 2.45
CA GLN A 136 6.58 9.60 1.20
C GLN A 136 8.08 9.35 1.14
N ASP A 137 8.80 9.60 2.23
CA ASP A 137 10.24 9.38 2.22
C ASP A 137 10.57 7.92 1.98
N ALA A 138 9.85 7.00 2.63
CA ALA A 138 10.08 5.58 2.41
C ALA A 138 9.59 5.16 1.03
N TYR A 139 8.57 5.83 0.49
CA TYR A 139 8.09 5.52 -0.85
C TYR A 139 9.15 5.84 -1.89
N TYR A 140 9.81 7.00 -1.77
CA TYR A 140 10.94 7.29 -2.65
C TYR A 140 12.07 6.30 -2.44
N ARG A 141 12.35 5.95 -1.17
CA ARG A 141 13.36 4.94 -0.90
C ARG A 141 12.95 3.57 -1.42
N ALA A 142 11.65 3.31 -1.52
CA ALA A 142 11.18 2.02 -2.03
C ALA A 142 11.47 1.89 -3.52
N ARG A 143 11.21 2.95 -4.30
CA ARG A 143 11.53 2.92 -5.71
C ARG A 143 13.03 2.81 -5.95
N ALA A 144 13.84 3.31 -5.01
CA ALA A 144 15.29 3.21 -5.12
C ALA A 144 15.83 1.82 -4.79
N GLY A 145 15.01 0.96 -4.19
CA GLY A 145 15.41 -0.39 -3.84
C GLY A 145 15.45 -0.68 -2.36
N GLU A 146 15.32 0.33 -1.51
CA GLU A 146 15.32 0.16 -0.06
C GLU A 146 13.89 0.36 0.43
N ALA A 147 13.10 -0.72 0.37
CA ALA A 147 11.69 -0.68 0.72
C ALA A 147 11.40 -1.31 2.07
N ALA A 148 12.40 -1.45 2.93
CA ALA A 148 12.18 -2.05 4.24
C ALA A 148 11.30 -1.16 5.11
N ASN A 149 11.65 0.11 5.24
CA ASN A 149 10.84 1.03 6.03
C ASN A 149 9.46 1.23 5.42
N PHE A 150 9.36 1.16 4.09
CA PHE A 150 8.07 1.40 3.44
C PHE A 150 7.10 0.24 3.73
N CYS A 151 7.58 -1.00 3.64
CA CYS A 151 6.71 -2.13 3.92
C CYS A 151 6.29 -2.17 5.38
N ALA A 152 7.21 -1.82 6.28
CA ALA A 152 6.88 -1.80 7.70
C ALA A 152 5.83 -0.73 8.01
N LEU A 153 5.93 0.43 7.35
CA LEU A 153 4.93 1.47 7.56
C LEU A 153 3.56 1.04 7.04
N ILE A 154 3.53 0.30 5.93
CA ILE A 154 2.27 -0.20 5.39
C ILE A 154 1.57 -1.08 6.41
N LEU A 155 2.33 -1.98 7.04
CA LEU A 155 1.74 -2.85 8.06
C LEU A 155 1.28 -2.04 9.27
N ALA A 156 2.03 -1.01 9.64
CA ALA A 156 1.69 -0.22 10.82
C ALA A 156 0.42 0.59 10.61
N TYR A 157 0.27 1.20 9.43
CA TYR A 157 -0.93 1.99 9.16
C TYR A 157 -2.16 1.12 8.93
N CYS A 158 -1.98 -0.14 8.56
CA CYS A 158 -3.09 -1.03 8.25
C CYS A 158 -3.45 -1.95 9.42
N ASN A 159 -2.80 -1.80 10.57
CA ASN A 159 -3.00 -2.63 11.76
C ASN A 159 -2.70 -4.11 11.50
N LYS A 160 -2.20 -4.45 10.31
CA LYS A 160 -1.82 -5.82 10.01
C LYS A 160 -0.44 -6.12 10.60
N THR A 161 -0.26 -7.35 11.07
CA THR A 161 1.01 -7.79 11.61
C THR A 161 1.76 -8.64 10.60
N VAL A 162 3.02 -8.91 10.90
CA VAL A 162 3.86 -9.73 10.02
C VAL A 162 3.32 -11.15 10.02
N GLY A 163 3.20 -11.73 8.82
CA GLY A 163 2.65 -13.06 8.66
C GLY A 163 1.15 -13.11 8.52
N GLU A 164 0.44 -12.07 8.95
CA GLU A 164 -1.00 -12.03 8.84
C GLU A 164 -1.43 -11.99 7.37
N LEU A 165 -2.55 -12.65 7.07
CA LEU A 165 -3.05 -12.71 5.71
C LEU A 165 -3.68 -11.38 5.33
N GLY A 166 -3.18 -10.76 4.26
CA GLY A 166 -3.62 -9.44 3.86
C GLY A 166 -4.22 -9.45 2.46
N ASP A 167 -5.21 -8.59 2.27
CA ASP A 167 -5.89 -8.43 0.99
C ASP A 167 -5.38 -7.18 0.29
N VAL A 168 -5.12 -7.31 -1.01
CA VAL A 168 -4.46 -6.23 -1.75
C VAL A 168 -5.38 -5.02 -1.88
N ARG A 169 -6.62 -5.25 -2.31
CA ARG A 169 -7.53 -4.12 -2.51
C ARG A 169 -7.90 -3.44 -1.19
N GLU A 170 -7.75 -4.15 -0.07
CA GLU A 170 -7.94 -3.51 1.23
C GLU A 170 -6.69 -2.72 1.61
N THR A 171 -5.51 -3.31 1.42
CA THR A 171 -4.28 -2.58 1.67
C THR A 171 -4.21 -1.30 0.86
N MET A 172 -4.60 -1.37 -0.42
CA MET A 172 -4.66 -0.17 -1.25
C MET A 172 -5.68 0.82 -0.71
N SER A 173 -6.81 0.32 -0.21
CA SER A 173 -7.86 1.21 0.28
C SER A 173 -7.38 2.04 1.45
N TYR A 174 -6.68 1.43 2.40
CA TYR A 174 -6.13 2.20 3.52
C TYR A 174 -4.99 3.09 3.07
N LEU A 175 -4.16 2.62 2.14
CA LEU A 175 -3.07 3.44 1.61
C LEU A 175 -3.62 4.65 0.86
N PHE A 176 -4.69 4.45 0.08
CA PHE A 176 -5.30 5.58 -0.63
C PHE A 176 -5.91 6.59 0.33
N GLN A 177 -6.38 6.14 1.50
CA GLN A 177 -6.90 7.07 2.50
C GLN A 177 -5.80 7.99 3.04
N HIS A 178 -4.56 7.49 3.12
CA HIS A 178 -3.43 8.26 3.59
C HIS A 178 -2.66 8.92 2.46
N ALA A 179 -3.35 9.31 1.39
CA ALA A 179 -2.71 9.93 0.24
C ALA A 179 -3.61 11.05 -0.28
N ASN A 180 -3.04 11.89 -1.15
CA ASN A 180 -3.75 13.03 -1.72
C ASN A 180 -4.57 12.56 -2.91
N LEU A 181 -5.86 12.32 -2.70
CA LEU A 181 -6.79 11.98 -3.77
C LEU A 181 -7.89 13.04 -3.91
N ASP A 182 -7.68 14.23 -3.37
CA ASP A 182 -8.69 15.28 -3.44
C ASP A 182 -8.96 15.66 -4.90
N SER A 183 -7.92 15.71 -5.72
CA SER A 183 -8.09 16.06 -7.13
C SER A 183 -8.83 14.96 -7.91
N CYS A 184 -8.89 13.75 -7.37
CA CYS A 184 -9.62 12.68 -8.04
C CYS A 184 -11.12 12.88 -7.89
N LYS A 185 -11.86 12.53 -8.93
CA LYS A 185 -13.31 12.73 -8.94
C LYS A 185 -13.94 11.73 -9.89
N ARG A 186 -15.15 11.30 -9.55
CA ARG A 186 -15.90 10.33 -10.35
C ARG A 186 -17.39 10.69 -10.30
N VAL A 187 -18.01 10.80 -11.47
CA VAL A 187 -19.44 11.06 -11.59
C VAL A 187 -20.08 9.79 -12.14
N LEU A 188 -21.03 9.25 -11.39
CA LEU A 188 -21.73 8.02 -11.75
C LEU A 188 -23.22 8.31 -11.88
N ASN A 189 -23.82 7.83 -12.97
CA ASN A 189 -25.25 7.95 -13.20
C ASN A 189 -25.87 6.56 -13.28
N VAL A 190 -26.93 6.35 -12.51
CA VAL A 190 -27.64 5.07 -12.48
C VAL A 190 -29.07 5.30 -12.96
N VAL A 191 -29.56 4.38 -13.78
CA VAL A 191 -30.93 4.47 -14.30
C VAL A 191 -31.65 3.13 -14.17
N GLN A 197 -33.16 8.75 -14.13
CA GLN A 197 -31.83 9.32 -14.30
C GLN A 197 -31.37 10.06 -13.06
N GLN A 198 -30.50 9.41 -12.28
CA GLN A 198 -29.95 9.98 -11.06
C GLN A 198 -28.45 9.78 -11.05
N GLN A 199 -27.70 10.88 -11.03
CA GLN A 199 -26.25 10.82 -11.04
C GLN A 199 -25.69 11.35 -9.73
N THR A 200 -24.58 10.75 -9.30
CA THR A 200 -23.91 11.12 -8.07
C THR A 200 -22.42 11.35 -8.35
N THR A 201 -21.77 12.06 -7.43
CA THR A 201 -20.36 12.40 -7.54
C THR A 201 -19.59 11.75 -6.41
N LEU A 202 -18.49 11.08 -6.74
CA LEU A 202 -17.62 10.45 -5.76
C LEU A 202 -16.25 11.11 -5.81
N LYS A 203 -15.69 11.38 -4.63
CA LYS A 203 -14.45 12.13 -4.50
C LYS A 203 -13.48 11.40 -3.60
N GLY A 204 -12.23 11.31 -4.03
CA GLY A 204 -11.18 10.73 -3.21
C GLY A 204 -11.00 9.25 -3.51
N VAL A 205 -10.99 8.43 -2.46
CA VAL A 205 -10.74 7.00 -2.62
C VAL A 205 -11.87 6.33 -3.39
N GLU A 206 -13.11 6.81 -3.21
CA GLU A 206 -14.23 6.21 -3.92
C GLU A 206 -14.12 6.42 -5.43
N ALA A 207 -13.42 7.47 -5.86
CA ALA A 207 -13.33 7.77 -7.28
C ALA A 207 -12.33 6.85 -7.97
N VAL A 208 -11.39 6.29 -7.23
CA VAL A 208 -10.35 5.47 -7.83
C VAL A 208 -10.64 3.97 -7.72
N MET A 209 -11.55 3.57 -6.83
CA MET A 209 -11.83 2.15 -6.60
C MET A 209 -13.28 1.85 -6.91
N TYR A 210 -13.51 0.70 -7.54
CA TYR A 210 -14.85 0.16 -7.72
C TYR A 210 -14.80 -1.36 -7.65
N MET A 211 -15.66 -1.93 -6.82
CA MET A 211 -15.77 -3.38 -6.67
C MET A 211 -16.94 -3.89 -7.49
N GLY A 212 -16.74 -5.01 -8.18
CA GLY A 212 -17.80 -5.60 -8.96
C GLY A 212 -17.35 -6.17 -10.29
N THR A 213 -16.48 -5.45 -10.99
CA THR A 213 -16.00 -5.89 -12.29
C THR A 213 -14.56 -5.46 -12.47
N LEU A 214 -13.85 -6.17 -13.34
CA LEU A 214 -12.47 -5.87 -13.68
C LEU A 214 -12.32 -4.99 -14.91
N SER A 215 -13.21 -5.13 -15.89
CA SER A 215 -13.12 -4.37 -17.13
C SER A 215 -13.47 -2.91 -16.88
N TYR A 216 -12.48 -2.02 -17.07
CA TYR A 216 -12.76 -0.59 -17.01
C TYR A 216 -13.70 -0.16 -18.13
N GLU A 217 -13.62 -0.84 -19.29
CA GLU A 217 -14.55 -0.55 -20.38
C GLU A 217 -15.98 -0.87 -19.98
N GLN A 218 -16.18 -2.00 -19.30
CA GLN A 218 -17.53 -2.36 -18.86
C GLN A 218 -18.06 -1.34 -17.87
N PHE A 219 -17.19 -0.77 -17.04
CA PHE A 219 -17.62 0.26 -16.10
C PHE A 219 -18.07 1.51 -16.83
N LYS A 220 -17.45 1.80 -17.97
CA LYS A 220 -17.87 2.96 -18.76
C LYS A 220 -19.13 2.67 -19.55
N LYS A 221 -19.31 1.43 -19.99
CA LYS A 221 -20.50 1.07 -20.76
C LYS A 221 -21.72 0.89 -19.88
N GLY A 222 -21.53 0.45 -18.64
CA GLY A 222 -22.64 0.25 -17.73
C GLY A 222 -22.66 -1.14 -17.10
N VAL A 223 -23.03 -1.21 -15.82
CA VAL A 223 -23.12 -2.47 -15.09
C VAL A 223 -24.45 -2.51 -14.37
N GLN A 224 -25.06 -3.70 -14.33
CA GLN A 224 -26.36 -3.86 -13.67
C GLN A 224 -26.18 -3.80 -12.16
N ILE A 225 -26.91 -2.91 -11.51
CA ILE A 225 -26.84 -2.74 -10.07
C ILE A 225 -28.25 -2.80 -9.51
N PRO A 226 -28.40 -3.18 -8.23
CA PRO A 226 -29.73 -3.24 -7.62
C PRO A 226 -30.36 -1.86 -7.52
N CYS A 227 -31.51 -1.69 -8.16
CA CYS A 227 -32.25 -0.44 -8.09
C CYS A 227 -32.97 -0.33 -6.75
N THR A 228 -32.88 0.85 -6.13
CA THR A 228 -33.61 1.08 -4.89
C THR A 228 -35.11 0.97 -5.12
N CYS A 229 -35.58 1.33 -6.31
CA CYS A 229 -37.00 1.20 -6.64
C CYS A 229 -37.36 -0.23 -7.00
N GLY A 230 -36.57 -0.85 -7.87
CA GLY A 230 -36.85 -2.20 -8.33
C GLY A 230 -36.87 -3.25 -7.24
N ALA A 233 -31.57 -1.66 -11.92
CA ALA A 233 -30.97 -0.51 -12.59
C ALA A 233 -29.60 -0.86 -13.17
N THR A 234 -28.99 0.11 -13.85
CA THR A 234 -27.65 -0.05 -14.40
C THR A 234 -26.82 1.18 -14.05
N LYS A 235 -25.53 0.94 -13.82
CA LYS A 235 -24.60 1.98 -13.38
C LYS A 235 -23.52 2.18 -14.44
N TYR A 236 -23.40 3.40 -14.94
CA TYR A 236 -22.39 3.76 -15.93
C TYR A 236 -21.58 4.95 -15.45
N LEU A 237 -20.35 5.05 -15.95
CA LEU A 237 -19.46 6.15 -15.59
C LEU A 237 -19.72 7.35 -16.48
N VAL A 238 -19.77 8.53 -15.88
CA VAL A 238 -20.05 9.77 -16.58
C VAL A 238 -18.80 10.63 -16.73
N GLN A 239 -17.98 10.71 -15.69
CA GLN A 239 -16.77 11.52 -15.72
C GLN A 239 -15.75 10.93 -14.75
N GLN A 240 -14.47 11.03 -15.13
CA GLN A 240 -13.40 10.50 -14.30
C GLN A 240 -12.18 11.40 -14.47
N GLU A 241 -11.87 12.18 -13.44
CA GLU A 241 -10.68 13.03 -13.42
C GLU A 241 -9.77 12.51 -12.30
N SER A 242 -8.75 11.74 -12.69
CA SER A 242 -7.86 11.10 -11.74
C SER A 242 -6.61 10.66 -12.50
N PRO A 243 -5.53 10.31 -11.79
CA PRO A 243 -4.37 9.72 -12.47
C PRO A 243 -4.45 8.22 -12.71
N PHE A 244 -5.38 7.51 -12.08
CA PHE A 244 -5.55 6.08 -12.31
C PHE A 244 -6.92 5.65 -11.80
N VAL A 245 -7.28 4.41 -12.13
CA VAL A 245 -8.53 3.80 -11.68
C VAL A 245 -8.26 2.36 -11.30
N MET A 246 -8.79 1.93 -10.16
CA MET A 246 -8.65 0.57 -9.68
C MET A 246 -9.99 -0.16 -9.83
N MET A 247 -9.96 -1.30 -10.52
CA MET A 247 -11.14 -2.12 -10.73
C MET A 247 -10.97 -3.44 -9.97
N SER A 248 -11.92 -3.73 -9.09
CA SER A 248 -11.87 -4.91 -8.24
C SER A 248 -13.08 -5.79 -8.48
N ALA A 249 -12.89 -7.09 -8.29
CA ALA A 249 -13.94 -8.08 -8.46
C ALA A 249 -13.52 -9.35 -7.74
N PRO A 250 -14.48 -10.20 -7.34
CA PRO A 250 -14.13 -11.50 -6.77
C PRO A 250 -13.28 -12.30 -7.75
N PRO A 251 -12.33 -13.08 -7.24
CA PRO A 251 -11.38 -13.77 -8.13
C PRO A 251 -12.08 -14.68 -9.14
N ALA A 252 -11.82 -14.43 -10.42
CA ALA A 252 -12.37 -15.24 -11.49
C ALA A 252 -11.40 -15.21 -12.67
N GLN A 253 -11.46 -16.25 -13.49
CA GLN A 253 -10.58 -16.35 -14.65
C GLN A 253 -10.79 -15.15 -15.58
N TYR A 254 -9.69 -14.48 -15.92
CA TYR A 254 -9.73 -13.27 -16.72
C TYR A 254 -8.66 -13.32 -17.79
N GLU A 255 -8.96 -12.71 -18.93
CA GLU A 255 -8.02 -12.60 -20.04
C GLU A 255 -7.41 -11.21 -20.07
N LEU A 256 -6.09 -11.14 -20.11
CA LEU A 256 -5.36 -9.88 -20.11
C LEU A 256 -4.66 -9.68 -21.44
N LYS A 257 -4.86 -8.52 -22.06
CA LYS A 257 -4.29 -8.20 -23.35
C LYS A 257 -3.19 -7.17 -23.21
N HIS A 258 -2.27 -7.17 -24.18
CA HIS A 258 -1.12 -6.28 -24.15
C HIS A 258 -1.58 -4.84 -24.34
N GLY A 259 -1.30 -3.98 -23.35
CA GLY A 259 -1.59 -2.57 -23.45
C GLY A 259 -2.93 -2.13 -22.89
N THR A 260 -3.82 -3.08 -22.58
CA THR A 260 -5.13 -2.71 -22.05
C THR A 260 -5.10 -2.34 -20.58
N PHE A 261 -4.11 -2.82 -19.83
CA PHE A 261 -4.04 -2.59 -18.39
C PHE A 261 -2.64 -2.16 -18.01
N THR A 262 -2.54 -1.41 -16.91
CA THR A 262 -1.23 -1.05 -16.37
C THR A 262 -0.63 -2.21 -15.58
N CYS A 263 -1.40 -2.77 -14.66
CA CYS A 263 -0.98 -3.93 -13.89
C CYS A 263 -2.21 -4.62 -13.33
N ALA A 264 -2.01 -5.86 -12.88
CA ALA A 264 -3.09 -6.65 -12.30
C ALA A 264 -2.54 -7.48 -11.15
N SER A 265 -3.44 -7.94 -10.30
CA SER A 265 -3.10 -8.79 -9.16
C SER A 265 -3.86 -10.11 -9.28
N GLU A 266 -3.11 -11.21 -9.32
CA GLU A 266 -3.68 -12.54 -9.47
C GLU A 266 -3.80 -13.21 -8.11
N TYR A 267 -4.93 -13.88 -7.88
CA TYR A 267 -5.18 -14.62 -6.65
C TYR A 267 -5.49 -16.07 -7.01
N THR A 268 -4.68 -16.98 -6.49
CA THR A 268 -4.82 -18.41 -6.76
C THR A 268 -4.85 -19.16 -5.42
N GLY A 269 -6.04 -19.49 -4.95
CA GLY A 269 -6.18 -20.24 -3.72
C GLY A 269 -7.52 -19.98 -3.08
N ASN A 270 -7.67 -20.51 -1.86
CA ASN A 270 -8.90 -20.33 -1.11
C ASN A 270 -8.90 -18.98 -0.40
N TYR A 271 -10.05 -18.63 0.16
CA TYR A 271 -10.21 -17.35 0.85
C TYR A 271 -9.16 -17.20 1.94
N GLN A 272 -8.51 -16.03 1.97
CA GLN A 272 -7.43 -15.72 2.90
C GLN A 272 -6.19 -16.58 2.67
N CYS A 273 -6.38 -17.88 2.43
CA CYS A 273 -5.25 -18.79 2.35
C CYS A 273 -4.45 -18.62 1.05
N GLY A 274 -5.09 -18.11 0.00
CA GLY A 274 -4.47 -18.12 -1.31
C GLY A 274 -3.27 -17.19 -1.42
N HIS A 275 -2.50 -17.41 -2.48
CA HIS A 275 -1.28 -16.65 -2.75
C HIS A 275 -1.58 -15.52 -3.72
N TYR A 276 -0.81 -14.44 -3.60
CA TYR A 276 -0.97 -13.25 -4.44
C TYR A 276 0.16 -13.20 -5.47
N LYS A 277 -0.22 -12.89 -6.72
CA LYS A 277 0.72 -12.74 -7.81
C LYS A 277 0.41 -11.46 -8.57
N HIS A 278 1.45 -10.85 -9.13
CA HIS A 278 1.33 -9.55 -9.79
C HIS A 278 1.71 -9.67 -11.26
N ILE A 279 0.86 -9.14 -12.13
CA ILE A 279 1.09 -9.12 -13.57
C ILE A 279 1.12 -7.68 -14.05
N THR A 280 2.13 -7.34 -14.84
CA THR A 280 2.27 -6.00 -15.40
C THR A 280 2.41 -6.09 -16.91
N SER A 281 2.02 -5.01 -17.59
CA SER A 281 2.00 -4.97 -19.05
C SER A 281 3.14 -4.08 -19.55
N LYS A 282 4.25 -4.69 -19.94
CA LYS A 282 5.33 -3.97 -20.61
C LYS A 282 5.24 -4.21 -22.10
N GLU A 283 6.40 -4.38 -22.77
CA GLU A 283 6.36 -4.76 -24.18
C GLU A 283 5.75 -6.14 -24.37
N THR A 284 5.84 -6.98 -23.35
CA THR A 284 5.05 -8.20 -23.23
C THR A 284 4.57 -8.31 -21.80
N LEU A 285 3.54 -9.13 -21.58
CA LEU A 285 3.00 -9.29 -20.23
C LEU A 285 4.02 -9.99 -19.34
N TYR A 286 4.36 -9.35 -18.22
CA TYR A 286 5.28 -9.90 -17.24
C TYR A 286 4.52 -10.29 -15.98
N CYS A 287 4.86 -11.43 -15.40
CA CYS A 287 4.23 -11.94 -14.19
C CYS A 287 5.30 -12.12 -13.12
N ILE A 288 5.12 -11.44 -11.99
CA ILE A 288 6.10 -11.43 -10.91
C ILE A 288 5.50 -12.13 -9.70
N ASP A 289 6.13 -13.21 -9.27
CA ASP A 289 5.77 -13.92 -8.03
C ASP A 289 6.99 -13.83 -7.12
N GLY A 290 6.99 -12.87 -6.22
CA GLY A 290 8.12 -12.71 -5.33
C GLY A 290 9.32 -12.23 -6.12
N ALA A 291 10.38 -13.03 -6.12
CA ALA A 291 11.55 -12.75 -6.94
C ALA A 291 11.46 -13.34 -8.33
N LEU A 292 10.56 -14.29 -8.55
CA LEU A 292 10.42 -14.95 -9.84
C LEU A 292 9.69 -14.04 -10.82
N LEU A 293 10.10 -14.10 -12.08
CA LEU A 293 9.49 -13.33 -13.15
C LEU A 293 9.24 -14.23 -14.35
N THR A 294 8.01 -14.24 -14.83
CA THR A 294 7.63 -15.01 -16.01
C THR A 294 7.00 -14.09 -17.04
N LYS A 295 7.35 -14.31 -18.30
CA LYS A 295 6.91 -13.47 -19.41
C LYS A 295 6.03 -14.28 -20.36
N SER A 296 4.90 -13.71 -20.77
CA SER A 296 4.05 -14.32 -21.77
C SER A 296 3.42 -13.22 -22.62
N SER A 297 3.15 -13.54 -23.87
CA SER A 297 2.48 -12.58 -24.74
C SER A 297 1.03 -12.37 -24.32
N GLU A 298 0.34 -13.46 -23.98
CA GLU A 298 -1.03 -13.42 -23.48
C GLU A 298 -1.11 -14.23 -22.20
N TYR A 299 -1.83 -13.71 -21.22
CA TYR A 299 -2.00 -14.37 -19.93
C TYR A 299 -3.48 -14.45 -19.59
N LYS A 300 -3.93 -15.66 -19.27
CA LYS A 300 -5.29 -15.89 -18.80
C LYS A 300 -5.22 -16.58 -17.44
N GLY A 301 -5.82 -15.98 -16.43
CA GLY A 301 -5.82 -16.54 -15.10
C GLY A 301 -6.76 -15.80 -14.17
N PRO A 302 -6.91 -16.32 -12.95
CA PRO A 302 -7.79 -15.67 -11.96
C PRO A 302 -7.22 -14.34 -11.51
N ILE A 303 -7.97 -13.28 -11.73
CA ILE A 303 -7.55 -11.92 -11.39
C ILE A 303 -8.61 -11.29 -10.51
N THR A 304 -8.18 -10.65 -9.42
CA THR A 304 -9.11 -9.96 -8.54
C THR A 304 -9.09 -8.45 -8.70
N ASP A 305 -7.96 -7.87 -9.07
CA ASP A 305 -7.83 -6.43 -9.25
C ASP A 305 -7.06 -6.15 -10.54
N VAL A 306 -7.56 -5.19 -11.32
CA VAL A 306 -6.86 -4.69 -12.50
C VAL A 306 -6.75 -3.18 -12.38
N PHE A 307 -5.55 -2.66 -12.65
CA PHE A 307 -5.28 -1.23 -12.59
C PHE A 307 -5.20 -0.64 -13.99
N TYR A 308 -5.84 0.52 -14.16
CA TYR A 308 -5.88 1.21 -15.44
C TYR A 308 -5.38 2.64 -15.28
N LYS A 309 -4.77 3.16 -16.33
CA LYS A 309 -4.26 4.53 -16.34
C LYS A 309 -5.27 5.43 -17.04
N GLU A 310 -5.74 6.44 -16.32
CA GLU A 310 -6.63 7.46 -16.85
C GLU A 310 -6.12 8.83 -16.43
N ASN A 311 -6.43 9.84 -17.22
CA ASN A 311 -6.15 11.22 -16.84
C ASN A 311 -7.39 12.10 -16.87
N SER A 312 -8.31 11.86 -17.81
CA SER A 312 -9.60 12.55 -17.84
C SER A 312 -10.53 11.77 -18.75
N TYR A 313 -11.76 11.55 -18.29
CA TYR A 313 -12.77 10.85 -19.08
C TYR A 313 -14.06 11.66 -19.09
N THR A 314 -14.64 11.81 -20.27
CA THR A 314 -15.95 12.45 -20.44
C THR A 314 -16.81 11.51 -21.27
N THR A 315 -17.93 11.07 -20.70
CA THR A 315 -18.75 10.06 -21.35
C THR A 315 -19.37 10.61 -22.63
N THR A 316 -19.57 9.72 -23.61
CA THR A 316 -20.25 10.09 -24.84
C THR A 316 -21.76 10.13 -24.65
N ILE A 317 -22.28 9.54 -23.57
CA ILE A 317 -23.70 9.50 -23.29
C ILE A 317 -24.28 10.91 -23.14
C1 Y2N B . -5.59 -13.13 1.03
C1 Y2N B . -5.59 -13.15 1.07
C2 Y2N B . -6.63 -12.45 1.86
C2 Y2N B . -6.64 -12.46 1.90
C3 Y2N B . -7.96 -12.28 1.42
C3 Y2N B . -7.98 -12.34 1.46
C4 Y2N B . -8.40 -12.84 0.10
C4 Y2N B . -8.43 -12.94 0.17
C11 Y2N B . -11.94 -16.40 -2.42
C11 Y2N B . -13.94 -11.60 -2.19
C12 Y2N B . -13.08 -17.15 -2.23
C12 Y2N B . -15.27 -11.84 -2.41
C14 Y2N B . -13.63 -19.59 -2.25
C14 Y2N B . -17.35 -10.42 -2.38
C16 Y2N B . -10.96 -17.37 -2.71
C16 Y2N B . -13.88 -10.23 -1.89
C10 Y2N B . -11.80 -14.93 -2.36
C10 Y2N B . -12.83 -12.58 -2.24
C17 Y2N B . -12.94 -14.12 -2.33
C17 Y2N B . -13.11 -13.95 -2.34
C18 Y2N B . -12.80 -12.74 -2.27
C18 Y2N B . -12.07 -14.87 -2.36
C19 Y2N B . -13.99 -11.88 -2.27
C19 Y2N B . -12.36 -16.31 -2.46
C20 Y2N B . -15.25 -12.12 -2.76
C20 Y2N B . -13.48 -16.98 -2.09
C22 Y2N B . -15.63 -10.11 -2.01
C22 Y2N B . -12.33 -18.70 -2.79
C24 Y2N B . -11.53 -12.17 -2.25
C24 Y2N B . -10.74 -14.41 -2.30
C26 Y2N B . -8.89 -11.63 2.23
C26 Y2N B . -8.91 -11.67 2.27
C27 Y2N B . -8.52 -11.14 3.47
C27 Y2N B . -8.53 -11.14 3.49
C29 Y2N B . -10.75 -10.28 3.84
C29 Y2N B . -10.76 -10.29 3.85
C30 Y2N B . -11.53 -9.88 5.04
C30 Y2N B . -11.55 -9.87 5.06
C32 Y2N B . -12.63 -7.76 5.69
C32 Y2N B . -12.66 -7.75 5.66
C33 Y2N B . -10.45 -8.33 6.63
C33 Y2N B . -10.48 -8.31 6.65
C34 Y2N B . -7.22 -11.30 3.92
C34 Y2N B . -7.22 -11.26 3.92
C35 Y2N B . -6.30 -11.95 3.12
C35 Y2N B . -6.31 -11.91 3.12
C6 Y2N B . -9.00 -12.36 -2.25
C6 Y2N B . -9.02 -12.56 -2.18
C7 Y2N B . -8.88 -11.17 -3.18
C7 Y2N B . -8.80 -11.42 -3.19
C8 Y2N B . -10.39 -12.96 -2.27
C8 Y2N B . -10.46 -13.06 -2.21
C9 Y2N B . -10.54 -14.34 -2.34
C9 Y2N B . -11.51 -12.15 -2.18
N13 Y2N B . -12.76 -18.43 -2.39
N13 Y2N B . -15.92 -10.67 -2.24
N15 Y2N B . -11.45 -18.60 -2.68
N15 Y2N B . -15.08 -9.66 -1.93
N21 Y2N B . -16.16 -11.12 -2.62
N21 Y2N B . -13.47 -18.34 -2.29
N31 Y2N B . -11.33 -8.45 5.44
N31 Y2N B . -11.36 -8.45 5.44
N5 Y2N B . -8.61 -11.95 -0.89
N5 Y2N B . -8.63 -12.09 -0.85
O25 Y2N B . -8.55 -14.04 -0.06
O25 Y2N B . -8.59 -14.15 0.05
O28 Y2N B . -9.40 -10.49 4.30
O28 Y2N B . -9.41 -10.47 4.31
S23 Y2N B . -13.98 -10.31 -1.57
S23 Y2N B . -11.21 -17.43 -3.06
S DMS C . 12.85 -9.42 23.26
O DMS C . 11.40 -9.17 23.50
C1 DMS C . 13.71 -7.86 22.98
C2 DMS C . 13.08 -10.20 21.64
C ACT D . -5.98 -8.03 13.27
O ACT D . -5.83 -9.27 13.48
OXT ACT D . -5.23 -7.08 13.59
CH3 ACT D . -7.28 -7.62 12.50
ZN ZN E . -35.93 3.86 -8.46
ZN ZN F . -2.54 12.85 7.45
ZN ZN G . 1.14 -6.80 -28.27
ZN ZN H . 10.09 -12.28 9.82
ZN ZN I . 1.51 -15.83 -0.02
CL CL J . -4.07 1.56 -18.90
CL CL K . -4.08 13.29 9.46
CL CL L . -2.51 11.17 6.05
#